data_3PB3
#
_entry.id   3PB3
#
_cell.length_a   64.419
_cell.length_b   64.419
_cell.length_c   108.499
_cell.angle_alpha   90.000
_cell.angle_beta   90.000
_cell.angle_gamma   90.000
#
_symmetry.space_group_name_H-M   'P 43'
#
loop_
_entity.id
_entity.type
_entity.pdbx_description
1 polymer '16S rRNA methylase'
2 non-polymer S-ADENOSYL-L-HOMOCYSTEINE
3 water water
#
_entity_poly.entity_id   1
_entity_poly.type   'polypeptide(L)'
_entity_poly.pdbx_seq_one_letter_code
;MLILKGTKTVDLSKDELTEIIGQFDRVHIDMGTGDGRNIYKLAINDQNTFYIGIDPVKENLFDISKKIIKKPSKGGLSNV
VFVIAAAESMPFELKNIADSISILFPWGTLLEYVIKPNRDILSNVADMAKKEAHFEFVTTYSDSYEEAEIKKRGLPLLSK
AYFLSEQYKAELSNSGFRIDDVKELDNEYVKQFNSMWAKRLAFGRKRSFFRVSGHVSKHHHHHHH
;
_entity_poly.pdbx_strand_id   A,B
#
# COMPACT_ATOMS: atom_id res chain seq x y z
N LEU A 2 0.75 6.74 22.64
CA LEU A 2 0.83 5.32 22.19
C LEU A 2 1.89 5.14 21.12
N ILE A 3 2.83 4.23 21.39
CA ILE A 3 3.84 3.87 20.40
C ILE A 3 3.81 2.36 20.15
N LEU A 4 4.49 1.94 19.08
CA LEU A 4 4.62 0.53 18.77
C LEU A 4 5.98 0.02 19.19
N LYS A 5 5.99 -1.14 19.85
CA LYS A 5 7.21 -1.88 20.09
C LYS A 5 6.98 -3.26 19.51
N GLY A 6 7.52 -3.48 18.32
CA GLY A 6 7.18 -4.68 17.56
C GLY A 6 5.72 -4.61 17.19
N THR A 7 4.96 -5.65 17.53
CA THR A 7 3.52 -5.66 17.24
C THR A 7 2.68 -5.19 18.42
N LYS A 8 3.36 -4.80 19.52
CA LYS A 8 2.67 -4.43 20.75
C LYS A 8 2.58 -2.91 20.93
N THR A 9 1.39 -2.43 21.30
CA THR A 9 1.20 -1.02 21.60
C THR A 9 1.55 -0.74 23.06
N VAL A 10 2.45 0.21 23.29
CA VAL A 10 2.82 0.62 24.65
C VAL A 10 2.80 2.14 24.78
N ASP A 11 2.81 2.61 26.02
CA ASP A 11 2.80 4.04 26.27
C ASP A 11 4.21 4.59 26.44
N LEU A 12 4.49 5.69 25.75
CA LEU A 12 5.74 6.43 25.90
C LEU A 12 5.43 7.79 26.50
N SER A 13 6.09 8.11 27.62
CA SER A 13 5.83 9.36 28.32
C SER A 13 6.67 10.49 27.73
N LYS A 14 6.28 11.72 28.04
CA LYS A 14 7.02 12.90 27.62
C LYS A 14 8.48 12.88 28.11
N ASP A 15 8.68 12.48 29.36
CA ASP A 15 10.03 12.40 29.93
C ASP A 15 10.89 11.33 29.23
N GLU A 16 10.28 10.18 28.95
CA GLU A 16 10.94 9.09 28.24
C GLU A 16 11.36 9.54 26.85
N LEU A 17 10.46 10.24 26.18
CA LEU A 17 10.72 10.77 24.84
C LEU A 17 11.87 11.76 24.84
N THR A 18 11.81 12.72 25.75
CA THR A 18 12.83 13.76 25.90
C THR A 18 14.21 13.14 26.11
N GLU A 19 14.26 12.03 26.84
CA GLU A 19 15.49 11.30 27.11
C GLU A 19 16.08 10.72 25.82
N ILE A 20 15.23 10.09 25.00
CA ILE A 20 15.66 9.52 23.74
C ILE A 20 16.16 10.60 22.77
N ILE A 21 15.39 11.70 22.66
CA ILE A 21 15.74 12.84 21.79
C ILE A 21 17.16 13.38 22.06
N GLY A 22 17.64 13.19 23.29
CA GLY A 22 18.94 13.70 23.74
C GLY A 22 20.17 13.23 22.99
N GLN A 23 20.14 12.00 22.48
CA GLN A 23 21.26 11.45 21.70
C GLN A 23 21.31 11.98 20.27
N PHE A 24 20.37 12.87 19.93
CA PHE A 24 20.21 13.33 18.54
C PHE A 24 20.15 14.85 18.47
N ASP A 25 20.65 15.39 17.37
CA ASP A 25 20.68 16.84 17.18
C ASP A 25 19.39 17.38 16.57
N ARG A 26 18.67 16.52 15.85
CA ARG A 26 17.47 16.95 15.14
C ARG A 26 16.33 15.96 15.36
N VAL A 27 15.11 16.46 15.22
CA VAL A 27 13.92 15.60 15.26
C VAL A 27 13.08 15.83 14.00
N HIS A 28 12.75 14.74 13.32
CA HIS A 28 11.90 14.81 12.14
C HIS A 28 10.59 14.06 12.37
N ILE A 29 9.46 14.69 12.04
CA ILE A 29 8.16 14.02 12.10
C ILE A 29 7.62 13.76 10.70
N ASP A 30 7.22 12.51 10.47
CA ASP A 30 6.54 12.14 9.24
C ASP A 30 5.08 11.80 9.60
N MET A 31 4.16 12.67 9.21
CA MET A 31 2.73 12.49 9.52
C MET A 31 2.05 11.66 8.43
N GLY A 32 1.24 10.68 8.82
CA GLY A 32 0.63 9.73 7.88
C GLY A 32 1.73 8.88 7.25
N THR A 33 2.59 8.33 8.10
CA THR A 33 3.81 7.65 7.69
C THR A 33 3.58 6.37 6.88
N GLY A 34 2.42 5.75 7.05
CA GLY A 34 2.09 4.55 6.27
C GLY A 34 2.84 3.34 6.80
N ASP A 35 3.51 2.63 5.90
CA ASP A 35 4.15 1.33 6.26
C ASP A 35 5.49 1.44 6.99
N GLY A 36 5.98 2.67 7.18
CA GLY A 36 7.23 2.90 7.91
C GLY A 36 8.50 2.74 7.09
N ARG A 37 8.36 2.32 5.84
CA ARG A 37 9.55 2.10 4.99
C ARG A 37 10.24 3.38 4.59
N ASN A 38 9.47 4.45 4.36
CA ASN A 38 10.08 5.74 4.02
C ASN A 38 10.92 6.26 5.17
N ILE A 39 10.35 6.20 6.37
CA ILE A 39 11.05 6.68 7.56
C ILE A 39 12.25 5.79 7.90
N TYR A 40 12.11 4.49 7.68
CA TYR A 40 13.21 3.56 7.85
C TYR A 40 14.41 3.98 6.98
N LYS A 41 14.14 4.33 5.72
CA LYS A 41 15.21 4.73 4.79
C LYS A 41 15.87 6.05 5.21
N LEU A 42 15.06 7.03 5.60
CA LEU A 42 15.61 8.28 6.12
C LEU A 42 16.50 8.06 7.34
N ALA A 43 16.05 7.18 8.24
CA ALA A 43 16.76 6.91 9.48
C ALA A 43 18.09 6.18 9.30
N ILE A 44 18.10 5.17 8.42
CA ILE A 44 19.33 4.43 8.15
C ILE A 44 20.38 5.32 7.45
N ASN A 45 19.91 6.40 6.83
CA ASN A 45 20.81 7.32 6.13
C ASN A 45 21.26 8.52 6.96
N ASP A 46 20.72 8.66 8.17
CA ASP A 46 21.02 9.81 9.03
C ASP A 46 20.86 9.47 10.51
N GLN A 47 21.97 9.10 11.13
CA GLN A 47 21.94 8.68 12.52
C GLN A 47 22.03 9.82 13.55
N ASN A 48 21.96 11.06 13.10
CA ASN A 48 21.93 12.21 14.03
C ASN A 48 20.58 12.92 14.05
N THR A 49 19.59 12.30 13.41
CA THR A 49 18.21 12.76 13.48
C THR A 49 17.35 11.67 14.10
N PHE A 50 16.46 12.06 15.00
CA PHE A 50 15.48 11.12 15.53
C PHE A 50 14.19 11.22 14.72
N TYR A 51 13.74 10.09 14.19
CA TYR A 51 12.58 10.05 13.30
C TYR A 51 11.33 9.56 14.00
N ILE A 52 10.27 10.35 13.88
CA ILE A 52 8.98 10.02 14.48
C ILE A 52 7.96 9.86 13.36
N GLY A 53 7.50 8.63 13.17
CA GLY A 53 6.48 8.34 12.15
C GLY A 53 5.12 8.17 12.82
N ILE A 54 4.13 8.92 12.34
CA ILE A 54 2.80 8.91 12.93
C ILE A 54 1.77 8.37 11.94
N ASP A 55 0.95 7.43 12.40
CA ASP A 55 -0.14 6.88 11.57
C ASP A 55 -1.19 6.23 12.47
N PRO A 56 -2.49 6.43 12.16
CA PRO A 56 -3.53 5.79 12.96
C PRO A 56 -3.70 4.28 12.68
N VAL A 57 -3.04 3.77 11.65
CA VAL A 57 -3.13 2.34 11.30
C VAL A 57 -1.90 1.58 11.78
N LYS A 58 -1.99 0.99 12.96
CA LYS A 58 -0.86 0.26 13.54
C LYS A 58 -0.50 -1.01 12.78
N GLU A 59 -1.51 -1.64 12.17
CA GLU A 59 -1.34 -2.95 11.52
C GLU A 59 -0.34 -2.91 10.37
N ASN A 60 -0.32 -1.80 9.64
CA ASN A 60 0.57 -1.66 8.49
C ASN A 60 2.00 -1.30 8.87
N LEU A 61 2.23 -1.09 10.17
CA LEU A 61 3.54 -0.76 10.69
C LEU A 61 4.23 -1.93 11.38
N PHE A 62 3.51 -3.04 11.54
CA PHE A 62 4.04 -4.21 12.26
C PHE A 62 5.38 -4.73 11.72
N ASP A 63 5.48 -4.87 10.40
CA ASP A 63 6.71 -5.38 9.79
C ASP A 63 7.93 -4.54 10.13
N ILE A 64 7.87 -3.25 9.81
CA ILE A 64 9.01 -2.35 10.06
C ILE A 64 9.22 -2.15 11.57
N SER A 65 8.12 -2.10 12.33
CA SER A 65 8.23 -1.96 13.78
C SER A 65 8.99 -3.13 14.40
N LYS A 66 8.74 -4.34 13.90
CA LYS A 66 9.46 -5.54 14.33
C LYS A 66 10.92 -5.50 13.88
N LYS A 67 11.18 -4.89 12.75
CA LYS A 67 12.53 -4.78 12.20
C LYS A 67 13.41 -3.84 13.02
N ILE A 68 12.87 -2.67 13.40
CA ILE A 68 13.67 -1.67 14.13
C ILE A 68 14.03 -2.11 15.55
N ILE A 69 13.28 -3.10 16.05
CA ILE A 69 13.45 -3.67 17.39
C ILE A 69 14.59 -4.70 17.44
N LYS A 70 14.98 -5.23 16.29
CA LYS A 70 16.05 -6.22 16.21
C LYS A 70 17.39 -5.58 16.58
N LYS A 71 18.42 -6.40 16.77
CA LYS A 71 19.77 -5.88 16.99
C LYS A 71 20.23 -5.16 15.73
N PRO A 72 21.07 -4.11 15.88
CA PRO A 72 21.54 -3.33 14.73
C PRO A 72 22.07 -4.19 13.58
N SER A 73 22.81 -5.25 13.91
CA SER A 73 23.34 -6.15 12.88
C SER A 73 22.25 -6.81 12.03
N LYS A 74 21.04 -6.88 12.56
CA LYS A 74 19.91 -7.51 11.86
C LYS A 74 18.88 -6.51 11.32
N GLY A 75 19.25 -5.23 11.31
CA GLY A 75 18.39 -4.20 10.72
C GLY A 75 17.70 -3.30 11.72
N GLY A 76 17.97 -3.52 13.01
CA GLY A 76 17.45 -2.67 14.06
C GLY A 76 17.94 -1.23 13.93
N LEU A 77 17.18 -0.31 14.50
CA LEU A 77 17.53 1.11 14.50
C LEU A 77 17.22 1.72 15.86
N SER A 78 18.03 2.70 16.25
CA SER A 78 17.86 3.37 17.54
C SER A 78 17.26 4.77 17.41
N ASN A 79 17.00 5.19 16.17
CA ASN A 79 16.54 6.56 15.91
C ASN A 79 15.16 6.66 15.27
N VAL A 80 14.30 5.68 15.56
CA VAL A 80 12.94 5.65 14.99
C VAL A 80 11.92 5.27 16.07
N VAL A 81 10.81 5.99 16.10
CA VAL A 81 9.64 5.58 16.89
C VAL A 81 8.39 5.77 16.04
N PHE A 82 7.43 4.85 16.20
CA PHE A 82 6.14 4.94 15.52
C PHE A 82 5.05 5.26 16.53
N VAL A 83 4.37 6.38 16.31
CA VAL A 83 3.32 6.84 17.21
C VAL A 83 1.99 6.53 16.54
N ILE A 84 1.10 5.85 17.25
CA ILE A 84 -0.22 5.53 16.72
C ILE A 84 -1.16 6.65 17.10
N ALA A 85 -1.42 7.54 16.15
CA ALA A 85 -2.30 8.68 16.36
C ALA A 85 -2.69 9.25 15.01
N ALA A 86 -3.68 10.14 14.99
CA ALA A 86 -4.10 10.80 13.77
C ALA A 86 -3.75 12.29 13.79
N ALA A 87 -3.81 12.93 12.63
CA ALA A 87 -3.60 14.38 12.52
C ALA A 87 -4.54 15.18 13.43
N GLU A 88 -5.72 14.63 13.70
CA GLU A 88 -6.71 15.24 14.60
C GLU A 88 -6.32 15.16 16.09
N SER A 89 -5.40 14.25 16.42
CA SER A 89 -5.15 13.79 17.81
C SER A 89 -4.50 14.76 18.79
N MET A 90 -3.60 15.62 18.29
CA MET A 90 -2.91 16.63 19.12
C MET A 90 -2.15 16.08 20.36
N PRO A 91 -1.41 14.95 20.20
CA PRO A 91 -0.67 14.39 21.35
C PRO A 91 0.26 15.44 21.95
N PHE A 92 0.02 15.79 23.22
CA PHE A 92 0.74 16.89 23.85
C PHE A 92 2.26 16.71 23.88
N GLU A 93 2.71 15.47 23.95
CA GLU A 93 4.16 15.17 24.03
C GLU A 93 4.90 15.65 22.79
N LEU A 94 4.21 15.73 21.67
CA LEU A 94 4.85 16.09 20.40
C LEU A 94 4.86 17.59 20.10
N LYS A 95 4.32 18.39 21.03
CA LYS A 95 4.29 19.84 20.84
C LYS A 95 5.70 20.43 20.85
N ASN A 96 6.00 21.28 19.86
CA ASN A 96 7.23 22.06 19.83
C ASN A 96 8.49 21.18 19.84
N ILE A 97 8.44 20.06 19.11
CA ILE A 97 9.52 19.08 19.17
C ILE A 97 10.31 18.92 17.86
N ALA A 98 9.69 19.20 16.72
CA ALA A 98 10.28 18.85 15.43
C ALA A 98 11.04 19.96 14.73
N ASP A 99 12.25 19.62 14.28
CA ASP A 99 13.02 20.50 13.40
C ASP A 99 12.47 20.49 11.98
N SER A 100 11.80 19.40 11.63
CA SER A 100 11.20 19.29 10.31
C SER A 100 10.00 18.36 10.35
N ILE A 101 9.07 18.59 9.44
CA ILE A 101 7.83 17.82 9.37
C ILE A 101 7.51 17.54 7.92
N SER A 102 7.09 16.31 7.63
CA SER A 102 6.72 15.96 6.28
C SER A 102 5.36 15.27 6.23
N ILE A 103 4.66 15.49 5.12
CA ILE A 103 3.47 14.72 4.81
C ILE A 103 3.68 14.25 3.37
N LEU A 104 3.90 12.95 3.19
CA LEU A 104 4.25 12.41 1.88
C LEU A 104 3.15 11.53 1.30
N PHE A 105 2.74 11.84 0.07
CA PHE A 105 1.75 11.05 -0.67
C PHE A 105 0.52 10.70 0.17
N PRO A 106 -0.08 11.70 0.86
CA PRO A 106 -1.22 11.40 1.72
C PRO A 106 -2.43 10.92 0.90
N TRP A 107 -3.33 10.20 1.58
CA TRP A 107 -4.54 9.69 0.94
C TRP A 107 -5.66 9.81 1.98
N GLY A 108 -6.90 9.64 1.55
CA GLY A 108 -8.04 9.73 2.47
C GLY A 108 -8.19 11.11 3.09
N THR A 109 -8.57 11.14 4.37
CA THR A 109 -8.80 12.41 5.09
C THR A 109 -7.57 13.31 5.10
N LEU A 110 -6.40 12.71 5.30
CA LEU A 110 -5.17 13.49 5.39
C LEU A 110 -4.89 14.26 4.10
N LEU A 111 -5.18 13.65 2.95
CA LEU A 111 -5.00 14.34 1.68
C LEU A 111 -5.86 15.59 1.59
N GLU A 112 -7.14 15.47 1.97
CA GLU A 112 -8.04 16.63 1.91
C GLU A 112 -7.61 17.74 2.88
N TYR A 113 -7.12 17.36 4.07
CA TYR A 113 -6.62 18.33 5.06
C TYR A 113 -5.49 19.19 4.50
N VAL A 114 -4.64 18.56 3.69
CA VAL A 114 -3.51 19.26 3.08
C VAL A 114 -3.98 20.10 1.89
N ILE A 115 -4.87 19.53 1.07
CA ILE A 115 -5.25 20.15 -0.22
C ILE A 115 -6.32 21.24 -0.11
N LYS A 116 -7.27 21.07 0.79
CA LYS A 116 -8.40 22.00 0.92
C LYS A 116 -7.96 23.46 1.10
N PRO A 117 -7.14 23.77 2.13
CA PRO A 117 -6.67 22.93 3.22
C PRO A 117 -7.57 23.05 4.45
N ASN A 118 -7.39 22.16 5.41
CA ASN A 118 -8.11 22.24 6.67
C ASN A 118 -7.21 22.97 7.66
N ARG A 119 -7.54 24.23 7.94
CA ARG A 119 -6.65 25.09 8.70
C ARG A 119 -6.44 24.64 10.14
N ASP A 120 -7.50 24.14 10.78
CA ASP A 120 -7.39 23.69 12.17
C ASP A 120 -6.47 22.48 12.27
N ILE A 121 -6.65 21.50 11.39
CA ILE A 121 -5.83 20.29 11.40
C ILE A 121 -4.37 20.62 11.09
N LEU A 122 -4.15 21.42 10.05
CA LEU A 122 -2.80 21.86 9.73
C LEU A 122 -2.16 22.61 10.91
N SER A 123 -2.98 23.36 11.65
CA SER A 123 -2.50 24.01 12.88
C SER A 123 -1.98 23.01 13.90
N ASN A 124 -2.68 21.87 14.05
CA ASN A 124 -2.21 20.79 14.94
C ASN A 124 -0.84 20.29 14.50
N VAL A 125 -0.65 20.18 13.19
CA VAL A 125 0.61 19.71 12.65
C VAL A 125 1.72 20.73 12.94
N ALA A 126 1.41 22.01 12.76
CA ALA A 126 2.37 23.08 12.99
C ALA A 126 2.79 23.19 14.45
N ASP A 127 1.87 22.86 15.35
CA ASP A 127 2.13 22.90 16.79
C ASP A 127 3.18 21.89 17.23
N MET A 128 3.42 20.88 16.40
CA MET A 128 4.46 19.88 16.66
C MET A 128 5.86 20.38 16.26
N ALA A 129 5.91 21.49 15.53
CA ALA A 129 7.18 22.03 15.05
C ALA A 129 7.81 23.07 15.98
N LYS A 130 9.14 23.10 16.01
CA LYS A 130 9.88 24.16 16.67
C LYS A 130 9.78 25.44 15.83
N LYS A 131 10.10 26.59 16.44
CA LYS A 131 10.08 27.89 15.75
C LYS A 131 10.79 27.83 14.41
N GLU A 132 11.98 27.22 14.39
CA GLU A 132 12.73 26.99 13.15
C GLU A 132 11.88 26.24 12.11
N ALA A 133 11.82 24.92 12.25
CA ALA A 133 10.93 24.05 11.48
C ALA A 133 10.88 24.24 9.97
N HIS A 134 11.37 23.25 9.24
CA HIS A 134 11.15 23.17 7.80
C HIS A 134 9.98 22.21 7.57
N PHE A 135 9.16 22.46 6.56
CA PHE A 135 8.08 21.53 6.24
C PHE A 135 8.08 21.12 4.78
N GLU A 136 7.49 19.97 4.50
CA GLU A 136 7.41 19.44 3.15
C GLU A 136 6.12 18.66 3.01
N PHE A 137 5.24 19.09 2.09
CA PHE A 137 4.04 18.33 1.75
C PHE A 137 4.16 17.89 0.29
N VAL A 138 4.12 16.58 0.05
CA VAL A 138 4.22 16.08 -1.33
C VAL A 138 2.93 15.35 -1.68
N THR A 139 2.20 15.85 -2.67
CA THR A 139 0.88 15.31 -2.96
C THR A 139 0.72 14.94 -4.44
N THR A 140 -0.27 14.09 -4.68
CA THR A 140 -0.73 13.73 -6.01
C THR A 140 -2.17 13.25 -5.85
N TYR A 141 -2.99 13.42 -6.88
CA TYR A 141 -4.35 12.91 -6.83
C TYR A 141 -4.73 12.17 -8.10
N SER A 142 -4.74 12.90 -9.22
CA SER A 142 -5.14 12.34 -10.51
C SER A 142 -3.95 11.77 -11.29
N ASP A 143 -4.20 10.66 -12.00
CA ASP A 143 -3.27 10.06 -12.96
C ASP A 143 -3.99 9.08 -13.89
N LYS A 160 0.21 22.96 -10.14
CA LYS A 160 1.18 23.86 -9.54
C LYS A 160 0.56 25.23 -9.26
N ALA A 161 -0.32 25.66 -10.16
CA ALA A 161 -1.02 26.96 -10.05
C ALA A 161 -1.86 27.05 -8.78
N TYR A 162 -2.53 25.96 -8.42
CA TYR A 162 -3.33 25.92 -7.20
C TYR A 162 -2.49 26.16 -5.95
N PHE A 163 -1.36 25.45 -5.84
CA PHE A 163 -0.49 25.56 -4.67
C PHE A 163 0.26 26.89 -4.63
N LEU A 164 0.43 27.52 -5.79
CA LEU A 164 1.08 28.82 -5.88
C LEU A 164 0.11 29.99 -5.65
N SER A 165 -1.19 29.70 -5.63
CA SER A 165 -2.21 30.75 -5.47
C SER A 165 -2.11 31.50 -4.15
N GLU A 166 -2.51 32.77 -4.19
CA GLU A 166 -2.52 33.62 -2.98
C GLU A 166 -3.43 33.06 -1.89
N GLN A 167 -4.58 32.52 -2.30
CA GLN A 167 -5.54 31.92 -1.38
C GLN A 167 -4.93 30.73 -0.61
N TYR A 168 -4.33 29.79 -1.34
CA TYR A 168 -3.72 28.62 -0.70
C TYR A 168 -2.56 29.06 0.21
N LYS A 169 -1.72 29.96 -0.29
CA LYS A 169 -0.60 30.52 0.47
C LYS A 169 -1.05 31.15 1.79
N ALA A 170 -2.13 31.94 1.73
CA ALA A 170 -2.66 32.62 2.91
C ALA A 170 -3.30 31.66 3.91
N GLU A 171 -3.96 30.64 3.40
CA GLU A 171 -4.59 29.65 4.29
C GLU A 171 -3.55 28.84 5.04
N LEU A 172 -2.47 28.44 4.35
CA LEU A 172 -1.35 27.79 5.02
C LEU A 172 -0.66 28.68 6.05
N SER A 173 -0.42 29.93 5.68
CA SER A 173 0.19 30.91 6.58
C SER A 173 -0.60 31.09 7.88
N ASN A 174 -1.94 31.03 7.77
CA ASN A 174 -2.80 31.11 8.95
C ASN A 174 -2.71 29.88 9.84
N SER A 175 -2.24 28.77 9.28
CA SER A 175 -2.06 27.54 10.03
C SER A 175 -0.64 27.40 10.58
N GLY A 176 0.24 28.32 10.20
CA GLY A 176 1.62 28.33 10.67
C GLY A 176 2.64 27.91 9.63
N PHE A 177 2.18 27.64 8.40
CA PHE A 177 3.07 27.19 7.33
C PHE A 177 3.33 28.30 6.30
N ARG A 178 4.59 28.71 6.18
CA ARG A 178 4.98 29.73 5.22
C ARG A 178 5.61 29.05 4.01
N ILE A 179 4.88 29.04 2.89
CA ILE A 179 5.36 28.43 1.66
C ILE A 179 6.54 29.22 1.08
N ASP A 180 7.64 28.52 0.83
CA ASP A 180 8.82 29.11 0.21
C ASP A 180 9.06 28.59 -1.19
N ASP A 181 8.48 27.44 -1.50
CA ASP A 181 8.70 26.79 -2.78
C ASP A 181 7.59 25.82 -3.12
N VAL A 182 7.21 25.82 -4.40
CA VAL A 182 6.31 24.81 -4.95
C VAL A 182 7.03 24.21 -6.15
N LYS A 183 7.18 22.89 -6.17
CA LYS A 183 7.86 22.22 -7.27
C LYS A 183 7.03 21.06 -7.78
N GLU A 184 6.91 20.96 -9.10
CA GLU A 184 6.26 19.81 -9.74
C GLU A 184 7.31 18.72 -9.98
N LEU A 185 7.08 17.56 -9.37
CA LEU A 185 8.01 16.44 -9.46
C LEU A 185 7.41 15.31 -10.30
N ASP A 186 8.26 14.40 -10.76
CA ASP A 186 7.84 13.34 -11.67
C ASP A 186 7.96 11.96 -11.03
N ASN A 187 7.50 10.94 -11.76
CA ASN A 187 7.61 9.55 -11.32
C ASN A 187 9.03 9.17 -10.91
N GLU A 188 10.02 9.57 -11.72
CA GLU A 188 11.42 9.23 -11.43
C GLU A 188 11.84 9.66 -10.01
N TYR A 189 11.46 10.88 -9.63
CA TYR A 189 11.71 11.38 -8.29
C TYR A 189 11.12 10.48 -7.20
N VAL A 190 9.91 9.99 -7.43
CA VAL A 190 9.20 9.18 -6.44
C VAL A 190 9.80 7.78 -6.29
N LYS A 191 10.53 7.35 -7.32
CA LYS A 191 11.17 6.02 -7.30
C LYS A 191 12.18 5.84 -6.16
N GLN A 192 12.63 6.96 -5.58
CA GLN A 192 13.58 6.94 -4.48
C GLN A 192 12.98 6.44 -3.15
N PHE A 193 11.65 6.59 -3.01
CA PHE A 193 10.99 6.25 -1.75
C PHE A 193 10.77 4.76 -1.66
N ASN A 194 10.78 4.23 -0.44
CA ASN A 194 10.74 2.78 -0.22
C ASN A 194 9.35 2.22 0.12
N SER A 195 8.40 3.07 0.49
CA SER A 195 7.06 2.54 0.83
C SER A 195 6.42 1.88 -0.39
N MET A 196 5.60 0.87 -0.14
CA MET A 196 4.95 0.12 -1.21
C MET A 196 3.98 1.00 -1.97
N TRP A 197 3.35 1.93 -1.25
CA TRP A 197 2.47 2.95 -1.81
C TRP A 197 3.21 3.86 -2.78
N ALA A 198 4.35 4.41 -2.34
CA ALA A 198 5.16 5.28 -3.21
C ALA A 198 5.62 4.55 -4.48
N LYS A 199 6.03 3.29 -4.32
CA LYS A 199 6.44 2.45 -5.46
C LYS A 199 5.31 2.26 -6.48
N ARG A 200 4.10 1.99 -5.99
CA ARG A 200 2.94 1.89 -6.88
C ARG A 200 2.73 3.18 -7.66
N LEU A 201 2.80 4.31 -6.95
CA LEU A 201 2.65 5.62 -7.57
C LEU A 201 3.73 5.89 -8.60
N ALA A 202 4.97 5.54 -8.25
CA ALA A 202 6.12 5.77 -9.13
C ALA A 202 6.11 4.85 -10.36
N PHE A 203 5.78 3.59 -10.14
CA PHE A 203 5.86 2.58 -11.21
C PHE A 203 4.66 2.52 -12.14
N GLY A 204 3.56 3.15 -11.75
CA GLY A 204 2.33 3.12 -12.55
C GLY A 204 2.30 4.09 -13.71
N ARG A 205 1.13 4.66 -13.97
CA ARG A 205 0.97 5.68 -15.00
C ARG A 205 1.77 6.92 -14.64
N LYS A 206 2.16 7.69 -15.64
CA LYS A 206 2.76 9.00 -15.39
C LYS A 206 1.78 9.81 -14.55
N ARG A 207 2.30 10.44 -13.51
CA ARG A 207 1.51 11.24 -12.58
C ARG A 207 2.29 12.50 -12.24
N SER A 208 1.56 13.58 -12.00
CA SER A 208 2.14 14.81 -11.50
C SER A 208 2.19 14.73 -9.98
N PHE A 209 3.35 15.08 -9.41
CA PHE A 209 3.50 15.15 -7.96
C PHE A 209 3.87 16.58 -7.62
N PHE A 210 3.37 17.06 -6.50
CA PHE A 210 3.62 18.46 -6.11
C PHE A 210 4.20 18.55 -4.71
N ARG A 211 5.36 19.20 -4.61
CA ARG A 211 5.94 19.46 -3.31
C ARG A 211 5.78 20.92 -2.95
N VAL A 212 5.10 21.14 -1.83
CA VAL A 212 4.96 22.47 -1.25
C VAL A 212 5.82 22.42 0.00
N SER A 213 6.83 23.28 0.05
CA SER A 213 7.74 23.29 1.17
C SER A 213 7.96 24.72 1.66
N GLY A 214 8.53 24.82 2.86
CA GLY A 214 8.82 26.12 3.45
C GLY A 214 9.17 25.99 4.91
N HIS A 215 8.86 27.04 5.68
CA HIS A 215 9.19 27.07 7.09
C HIS A 215 7.95 27.35 7.93
N VAL A 216 8.01 26.92 9.19
CA VAL A 216 6.92 27.11 10.14
C VAL A 216 7.09 28.46 10.83
N LEU B 2 8.78 -15.57 -15.40
CA LEU B 2 9.60 -14.98 -14.30
C LEU B 2 8.87 -15.11 -12.96
N ILE B 3 9.55 -15.71 -12.00
CA ILE B 3 9.04 -15.81 -10.65
C ILE B 3 10.02 -15.22 -9.65
N LEU B 4 9.55 -15.02 -8.42
CA LEU B 4 10.40 -14.53 -7.34
C LEU B 4 10.82 -15.67 -6.44
N LYS B 5 12.11 -15.73 -6.15
CA LYS B 5 12.63 -16.60 -5.11
C LYS B 5 13.36 -15.69 -4.14
N GLY B 6 12.69 -15.35 -3.04
CA GLY B 6 13.17 -14.29 -2.16
C GLY B 6 13.16 -12.99 -2.94
N THR B 7 14.28 -12.28 -2.95
CA THR B 7 14.37 -11.01 -3.68
C THR B 7 14.92 -11.19 -5.10
N LYS B 8 15.16 -12.45 -5.49
CA LYS B 8 15.76 -12.73 -6.79
C LYS B 8 14.73 -13.21 -7.81
N THR B 9 14.81 -12.66 -9.02
CA THR B 9 13.97 -13.12 -10.13
C THR B 9 14.61 -14.33 -10.79
N VAL B 10 13.85 -15.42 -10.93
CA VAL B 10 14.32 -16.61 -11.65
C VAL B 10 13.25 -17.12 -12.61
N ASP B 11 13.67 -17.92 -13.59
CA ASP B 11 12.74 -18.50 -14.53
C ASP B 11 12.17 -19.83 -14.03
N LEU B 12 10.85 -19.96 -14.15
CA LEU B 12 10.15 -21.21 -13.87
C LEU B 12 9.52 -21.72 -15.16
N SER B 13 9.86 -22.95 -15.54
CA SER B 13 9.39 -23.54 -16.79
C SER B 13 8.01 -24.16 -16.59
N LYS B 14 7.32 -24.39 -17.71
CA LYS B 14 6.02 -25.07 -17.68
C LYS B 14 6.10 -26.45 -17.04
N ASP B 15 7.16 -27.20 -17.37
CA ASP B 15 7.36 -28.53 -16.79
C ASP B 15 7.56 -28.49 -15.28
N GLU B 16 8.37 -27.53 -14.82
CA GLU B 16 8.62 -27.33 -13.39
C GLU B 16 7.34 -26.98 -12.67
N LEU B 17 6.57 -26.08 -13.28
CA LEU B 17 5.29 -25.65 -12.73
C LEU B 17 4.32 -26.82 -12.59
N THR B 18 4.19 -27.59 -13.67
CA THR B 18 3.29 -28.75 -13.71
C THR B 18 3.61 -29.73 -12.59
N GLU B 19 4.91 -29.92 -12.32
CA GLU B 19 5.38 -30.79 -11.27
C GLU B 19 4.87 -30.34 -9.90
N ILE B 20 5.07 -29.05 -9.60
CA ILE B 20 4.62 -28.45 -8.35
C ILE B 20 3.11 -28.58 -8.18
N ILE B 21 2.34 -28.22 -9.22
CA ILE B 21 0.87 -28.32 -9.22
C ILE B 21 0.38 -29.73 -8.81
N GLY B 22 1.23 -30.74 -9.02
CA GLY B 22 0.90 -32.13 -8.76
C GLY B 22 0.52 -32.50 -7.34
N GLN B 23 1.14 -31.87 -6.36
CA GLN B 23 0.86 -32.14 -4.94
C GLN B 23 -0.42 -31.45 -4.45
N PHE B 24 -1.12 -30.78 -5.35
CA PHE B 24 -2.30 -30.00 -4.98
C PHE B 24 -3.51 -30.32 -5.84
N ASP B 25 -4.70 -30.27 -5.25
CA ASP B 25 -5.93 -30.58 -5.97
C ASP B 25 -6.45 -29.40 -6.76
N ARG B 26 -6.12 -28.19 -6.31
CA ARG B 26 -6.66 -26.98 -6.93
C ARG B 26 -5.56 -25.96 -7.19
N VAL B 27 -5.82 -25.09 -8.15
CA VAL B 27 -4.93 -23.95 -8.44
C VAL B 27 -5.75 -22.67 -8.43
N HIS B 28 -5.30 -21.70 -7.64
CA HIS B 28 -5.92 -20.39 -7.60
C HIS B 28 -4.95 -19.31 -8.08
N ILE B 29 -5.43 -18.45 -8.97
CA ILE B 29 -4.64 -17.30 -9.44
C ILE B 29 -5.22 -15.99 -8.89
N ASP B 30 -4.35 -15.18 -8.31
CA ASP B 30 -4.71 -13.85 -7.85
C ASP B 30 -3.96 -12.85 -8.72
N MET B 31 -4.69 -12.16 -9.61
CA MET B 31 -4.10 -11.21 -10.55
C MET B 31 -4.04 -9.81 -9.92
N GLY B 32 -2.89 -9.14 -10.05
CA GLY B 32 -2.66 -7.86 -9.38
C GLY B 32 -2.61 -8.09 -7.88
N THR B 33 -1.79 -9.05 -7.49
CA THR B 33 -1.77 -9.55 -6.12
C THR B 33 -1.24 -8.54 -5.09
N GLY B 34 -0.45 -7.58 -5.54
CA GLY B 34 0.06 -6.53 -4.64
C GLY B 34 1.17 -7.08 -3.76
N ASP B 35 1.06 -6.85 -2.45
CA ASP B 35 2.13 -7.18 -1.50
C ASP B 35 2.24 -8.65 -1.11
N GLY B 36 1.33 -9.48 -1.62
CA GLY B 36 1.38 -10.93 -1.38
C GLY B 36 0.75 -11.38 -0.07
N ARG B 37 0.32 -10.44 0.76
CA ARG B 37 -0.24 -10.79 2.06
C ARG B 37 -1.60 -11.45 1.97
N ASN B 38 -2.42 -11.04 1.00
CA ASN B 38 -3.73 -11.68 0.81
C ASN B 38 -3.55 -13.15 0.42
N ILE B 39 -2.66 -13.39 -0.52
CA ILE B 39 -2.38 -14.75 -0.99
C ILE B 39 -1.73 -15.60 0.09
N TYR B 40 -0.85 -14.97 0.87
CA TYR B 40 -0.23 -15.65 2.00
C TYR B 40 -1.31 -16.19 2.95
N LYS B 41 -2.31 -15.35 3.24
CA LYS B 41 -3.39 -15.74 4.16
C LYS B 41 -4.25 -16.87 3.59
N LEU B 42 -4.61 -16.78 2.31
CA LEU B 42 -5.36 -17.88 1.67
C LEU B 42 -4.57 -19.19 1.73
N ALA B 43 -3.28 -19.11 1.44
CA ALA B 43 -2.41 -20.28 1.39
C ALA B 43 -2.23 -20.96 2.74
N ILE B 44 -2.00 -20.19 3.80
CA ILE B 44 -1.84 -20.76 5.13
C ILE B 44 -3.13 -21.42 5.63
N ASN B 45 -4.27 -21.01 5.06
CA ASN B 45 -5.56 -21.55 5.47
C ASN B 45 -6.06 -22.69 4.59
N ASP B 46 -5.30 -23.03 3.54
CA ASP B 46 -5.69 -24.08 2.59
C ASP B 46 -4.48 -24.73 1.91
N GLN B 47 -3.99 -25.83 2.50
CA GLN B 47 -2.81 -26.49 1.99
C GLN B 47 -3.06 -27.47 0.83
N ASN B 48 -4.28 -27.53 0.31
CA ASN B 48 -4.59 -28.37 -0.85
C ASN B 48 -4.84 -27.56 -2.11
N THR B 49 -4.59 -26.26 -2.03
CA THR B 49 -4.65 -25.38 -3.20
C THR B 49 -3.29 -24.76 -3.42
N PHE B 50 -2.87 -24.70 -4.69
CA PHE B 50 -1.65 -24.00 -5.04
C PHE B 50 -1.99 -22.57 -5.45
N TYR B 51 -1.35 -21.60 -4.79
CA TYR B 51 -1.65 -20.19 -5.02
C TYR B 51 -0.61 -19.50 -5.89
N ILE B 52 -1.09 -18.84 -6.94
CA ILE B 52 -0.22 -18.13 -7.85
C ILE B 52 -0.62 -16.66 -7.81
N GLY B 53 0.26 -15.83 -7.28
CA GLY B 53 0.02 -14.39 -7.22
C GLY B 53 0.80 -13.69 -8.31
N ILE B 54 0.11 -12.89 -9.13
CA ILE B 54 0.74 -12.20 -10.25
C ILE B 54 0.72 -10.68 -10.06
N ASP B 55 1.87 -10.05 -10.24
CA ASP B 55 1.97 -8.58 -10.18
C ASP B 55 3.22 -8.12 -10.94
N PRO B 56 3.12 -7.01 -11.70
CA PRO B 56 4.29 -6.48 -12.40
C PRO B 56 5.30 -5.76 -11.48
N VAL B 57 4.91 -5.51 -10.22
CA VAL B 57 5.79 -4.83 -9.27
C VAL B 57 6.44 -5.84 -8.31
N LYS B 58 7.66 -6.26 -8.65
CA LYS B 58 8.36 -7.26 -7.83
C LYS B 58 8.79 -6.70 -6.48
N GLU B 59 9.07 -5.40 -6.43
CA GLU B 59 9.64 -4.76 -5.24
C GLU B 59 8.72 -4.89 -4.03
N ASN B 60 7.41 -4.79 -4.26
CA ASN B 60 6.45 -4.87 -3.19
C ASN B 60 6.15 -6.28 -2.71
N LEU B 61 6.75 -7.25 -3.38
CA LEU B 61 6.57 -8.66 -3.03
C LEU B 61 7.77 -9.25 -2.28
N PHE B 62 8.84 -8.48 -2.17
CA PHE B 62 10.07 -8.96 -1.54
C PHE B 62 9.88 -9.53 -0.12
N ASP B 63 9.15 -8.80 0.73
CA ASP B 63 8.96 -9.22 2.12
C ASP B 63 8.31 -10.59 2.22
N ILE B 64 7.13 -10.73 1.62
CA ILE B 64 6.40 -12.01 1.65
C ILE B 64 7.14 -13.11 0.87
N SER B 65 7.78 -12.73 -0.24
CA SER B 65 8.55 -13.69 -1.03
C SER B 65 9.71 -14.28 -0.23
N LYS B 66 10.36 -13.46 0.59
CA LYS B 66 11.41 -13.91 1.50
C LYS B 66 10.86 -14.79 2.62
N LYS B 67 9.63 -14.49 3.04
CA LYS B 67 8.96 -15.23 4.11
C LYS B 67 8.59 -16.66 3.69
N ILE B 68 8.04 -16.81 2.48
CA ILE B 68 7.56 -18.13 2.01
C ILE B 68 8.72 -19.10 1.72
N ILE B 69 9.90 -18.53 1.56
CA ILE B 69 11.13 -19.28 1.30
C ILE B 69 11.78 -19.82 2.57
N LYS B 70 11.38 -19.31 3.73
CA LYS B 70 11.88 -19.78 5.01
C LYS B 70 11.41 -21.21 5.27
N LYS B 71 11.93 -21.83 6.33
CA LYS B 71 11.44 -23.15 6.72
C LYS B 71 10.01 -23.02 7.26
N PRO B 72 9.17 -24.06 7.09
CA PRO B 72 7.79 -24.01 7.54
C PRO B 72 7.61 -23.46 8.96
N SER B 73 8.47 -23.86 9.88
CA SER B 73 8.38 -23.37 11.27
C SER B 73 8.61 -21.86 11.41
N LYS B 74 9.22 -21.26 10.39
CA LYS B 74 9.51 -19.82 10.39
C LYS B 74 8.62 -19.03 9.44
N GLY B 75 7.52 -19.64 9.00
CA GLY B 75 6.53 -18.96 8.17
C GLY B 75 6.58 -19.30 6.70
N GLY B 76 7.50 -20.20 6.33
CA GLY B 76 7.60 -20.68 4.95
C GLY B 76 6.34 -21.39 4.48
N LEU B 77 6.12 -21.38 3.18
CA LEU B 77 4.98 -22.06 2.57
C LEU B 77 5.42 -22.81 1.32
N SER B 78 4.77 -23.94 1.05
CA SER B 78 5.08 -24.75 -0.11
C SER B 78 4.03 -24.62 -1.23
N ASN B 79 3.00 -23.82 -0.98
CA ASN B 79 1.89 -23.71 -1.92
C ASN B 79 1.68 -22.32 -2.51
N VAL B 80 2.76 -21.53 -2.60
CA VAL B 80 2.68 -20.17 -3.14
C VAL B 80 3.81 -19.91 -4.12
N VAL B 81 3.48 -19.31 -5.25
CA VAL B 81 4.48 -18.76 -6.17
C VAL B 81 4.05 -17.36 -6.61
N PHE B 82 5.03 -16.47 -6.75
CA PHE B 82 4.78 -15.12 -7.25
C PHE B 82 5.35 -14.97 -8.64
N VAL B 83 4.49 -14.63 -9.60
CA VAL B 83 4.88 -14.47 -11.00
C VAL B 83 4.93 -12.97 -11.28
N ILE B 84 6.05 -12.52 -11.86
CA ILE B 84 6.20 -11.12 -12.20
C ILE B 84 5.77 -10.93 -13.64
N ALA B 85 4.56 -10.41 -13.83
CA ALA B 85 3.98 -10.19 -15.14
C ALA B 85 2.77 -9.29 -14.98
N ALA B 86 2.27 -8.77 -16.10
CA ALA B 86 1.07 -7.95 -16.09
C ALA B 86 -0.10 -8.69 -16.73
N ALA B 87 -1.31 -8.15 -16.54
CA ALA B 87 -2.51 -8.70 -17.17
C ALA B 87 -2.41 -8.73 -18.71
N GLU B 88 -1.66 -7.79 -19.26
CA GLU B 88 -1.39 -7.72 -20.70
C GLU B 88 -0.46 -8.83 -21.22
N SER B 89 0.24 -9.51 -20.30
CA SER B 89 1.42 -10.35 -20.59
C SER B 89 1.18 -11.69 -21.31
N MET B 90 0.06 -12.34 -20.99
CA MET B 90 -0.29 -13.65 -21.59
C MET B 90 0.76 -14.77 -21.44
N PRO B 91 1.36 -14.93 -20.23
CA PRO B 91 2.37 -15.97 -20.05
C PRO B 91 1.80 -17.35 -20.39
N PHE B 92 2.37 -18.00 -21.40
CA PHE B 92 1.80 -19.24 -21.93
C PHE B 92 1.67 -20.38 -20.91
N GLU B 93 2.58 -20.41 -19.93
CA GLU B 93 2.60 -21.47 -18.92
C GLU B 93 1.34 -21.46 -18.06
N LEU B 94 0.69 -20.31 -17.96
CA LEU B 94 -0.48 -20.19 -17.09
C LEU B 94 -1.81 -20.42 -17.79
N LYS B 95 -1.75 -20.81 -19.07
CA LYS B 95 -2.98 -21.08 -19.82
C LYS B 95 -3.70 -22.33 -19.32
N ASN B 96 -5.01 -22.20 -19.11
CA ASN B 96 -5.86 -23.35 -18.75
C ASN B 96 -5.41 -24.07 -17.46
N ILE B 97 -4.97 -23.31 -16.47
CA ILE B 97 -4.38 -23.88 -15.26
C ILE B 97 -5.21 -23.69 -13.97
N ALA B 98 -5.99 -22.62 -13.91
CA ALA B 98 -6.64 -22.22 -12.65
C ALA B 98 -8.07 -22.73 -12.48
N ASP B 99 -8.34 -23.27 -11.30
CA ASP B 99 -9.69 -23.62 -10.88
C ASP B 99 -10.47 -22.37 -10.48
N SER B 100 -9.73 -21.36 -10.03
CA SER B 100 -10.33 -20.08 -9.63
C SER B 100 -9.38 -18.93 -9.87
N ILE B 101 -9.95 -17.75 -10.08
CA ILE B 101 -9.17 -16.54 -10.37
C ILE B 101 -9.80 -15.38 -9.63
N SER B 102 -8.98 -14.55 -9.01
CA SER B 102 -9.47 -13.37 -8.33
C SER B 102 -8.74 -12.11 -8.78
N ILE B 103 -9.47 -11.00 -8.78
CA ILE B 103 -8.87 -9.68 -8.90
C ILE B 103 -9.45 -8.88 -7.75
N LEU B 104 -8.60 -8.56 -6.77
CA LEU B 104 -9.07 -7.94 -5.53
C LEU B 104 -8.56 -6.50 -5.38
N PHE B 105 -9.49 -5.57 -5.18
CA PHE B 105 -9.18 -4.16 -4.96
C PHE B 105 -8.14 -3.62 -5.96
N PRO B 106 -8.38 -3.84 -7.27
CA PRO B 106 -7.40 -3.37 -8.25
C PRO B 106 -7.30 -1.85 -8.29
N TRP B 107 -6.19 -1.35 -8.79
CA TRP B 107 -5.96 0.09 -8.91
C TRP B 107 -5.21 0.31 -10.22
N GLY B 108 -5.11 1.56 -10.66
CA GLY B 108 -4.42 1.87 -11.91
C GLY B 108 -5.07 1.22 -13.13
N THR B 109 -4.25 0.76 -14.07
CA THR B 109 -4.73 0.18 -15.32
C THR B 109 -5.63 -1.04 -15.09
N LEU B 110 -5.26 -1.88 -14.12
CA LEU B 110 -6.02 -3.10 -13.84
C LEU B 110 -7.45 -2.78 -13.44
N LEU B 111 -7.63 -1.70 -12.67
CA LEU B 111 -8.99 -1.28 -12.29
C LEU B 111 -9.84 -0.96 -13.52
N GLU B 112 -9.29 -0.16 -14.43
CA GLU B 112 -10.03 0.22 -15.63
C GLU B 112 -10.36 -1.00 -16.51
N TYR B 113 -9.42 -1.94 -16.62
CA TYR B 113 -9.64 -3.18 -17.37
C TYR B 113 -10.86 -3.96 -16.85
N VAL B 114 -11.02 -3.97 -15.54
CA VAL B 114 -12.13 -4.67 -14.91
C VAL B 114 -13.43 -3.88 -15.07
N ILE B 115 -13.34 -2.56 -14.87
CA ILE B 115 -14.53 -1.69 -14.79
C ILE B 115 -15.11 -1.27 -16.14
N LYS B 116 -14.25 -1.02 -17.12
CA LYS B 116 -14.68 -0.52 -18.42
C LYS B 116 -15.77 -1.39 -19.09
N PRO B 117 -15.51 -2.70 -19.30
CA PRO B 117 -14.27 -3.46 -19.09
C PRO B 117 -13.44 -3.50 -20.37
N ASN B 118 -12.19 -3.94 -20.24
CA ASN B 118 -11.34 -4.15 -21.40
C ASN B 118 -11.45 -5.61 -21.80
N ARG B 119 -12.18 -5.87 -22.88
CA ARG B 119 -12.52 -7.25 -23.25
C ARG B 119 -11.31 -8.09 -23.62
N ASP B 120 -10.36 -7.50 -24.32
CA ASP B 120 -9.16 -8.24 -24.72
C ASP B 120 -8.32 -8.65 -23.52
N ILE B 121 -8.13 -7.73 -22.59
CA ILE B 121 -7.35 -8.00 -21.38
C ILE B 121 -8.06 -9.05 -20.51
N LEU B 122 -9.36 -8.85 -20.30
CA LEU B 122 -10.13 -9.82 -19.53
C LEU B 122 -10.10 -11.20 -20.20
N SER B 123 -10.05 -11.24 -21.52
CA SER B 123 -9.88 -12.49 -22.26
C SER B 123 -8.58 -13.19 -21.90
N ASN B 124 -7.49 -12.42 -21.76
CA ASN B 124 -6.20 -12.96 -21.33
C ASN B 124 -6.32 -13.62 -19.96
N VAL B 125 -7.07 -12.99 -19.07
CA VAL B 125 -7.28 -13.53 -17.73
C VAL B 125 -8.10 -14.81 -17.78
N ALA B 126 -9.15 -14.82 -18.61
CA ALA B 126 -10.00 -16.01 -18.76
C ALA B 126 -9.23 -17.19 -19.34
N ASP B 127 -8.23 -16.91 -20.16
CA ASP B 127 -7.43 -17.95 -20.79
C ASP B 127 -6.58 -18.74 -19.80
N MET B 128 -6.34 -18.15 -18.63
CA MET B 128 -5.62 -18.83 -17.55
C MET B 128 -6.51 -19.81 -16.77
N ALA B 129 -7.82 -19.72 -16.97
CA ALA B 129 -8.78 -20.56 -16.24
C ALA B 129 -9.06 -21.89 -16.93
N LYS B 130 -9.30 -22.92 -16.12
CA LYS B 130 -9.82 -24.20 -16.63
C LYS B 130 -11.27 -24.01 -17.03
N LYS B 131 -11.80 -24.95 -17.82
CA LYS B 131 -13.20 -24.92 -18.27
C LYS B 131 -14.17 -24.67 -17.11
N GLU B 132 -13.93 -25.33 -15.99
CA GLU B 132 -14.72 -25.14 -14.77
C GLU B 132 -14.68 -23.68 -14.28
N ALA B 133 -13.57 -23.31 -13.64
CA ALA B 133 -13.24 -21.94 -13.24
C ALA B 133 -14.31 -21.11 -12.56
N HIS B 134 -14.05 -20.75 -11.32
CA HIS B 134 -14.84 -19.73 -10.64
C HIS B 134 -14.03 -18.43 -10.70
N PHE B 135 -14.71 -17.28 -10.77
CA PHE B 135 -13.99 -16.01 -10.73
C PHE B 135 -14.60 -15.04 -9.72
N GLU B 136 -13.78 -14.10 -9.27
CA GLU B 136 -14.21 -13.11 -8.30
C GLU B 136 -13.47 -11.81 -8.57
N PHE B 137 -14.20 -10.74 -8.88
CA PHE B 137 -13.60 -9.40 -9.00
C PHE B 137 -14.21 -8.52 -7.92
N VAL B 138 -13.37 -7.98 -7.04
CA VAL B 138 -13.85 -7.12 -5.96
C VAL B 138 -13.27 -5.72 -6.18
N THR B 139 -14.14 -4.75 -6.41
CA THR B 139 -13.67 -3.40 -6.73
C THR B 139 -14.27 -2.33 -5.84
N THR B 140 -13.61 -1.18 -5.83
CA THR B 140 -14.08 0.04 -5.21
C THR B 140 -13.38 1.18 -5.93
N TYR B 141 -14.04 2.34 -6.01
CA TYR B 141 -13.39 3.50 -6.61
C TYR B 141 -13.37 4.69 -5.66
N SER B 142 -14.51 5.37 -5.54
CA SER B 142 -14.59 6.55 -4.69
C SER B 142 -15.13 6.22 -3.29
N ASP B 143 -14.57 6.91 -2.29
CA ASP B 143 -15.06 6.95 -0.89
C ASP B 143 -13.92 7.11 0.10
N LYS B 160 -23.86 -0.92 -7.81
CA LYS B 160 -24.31 -2.28 -8.05
C LYS B 160 -25.09 -2.38 -9.36
N ALA B 161 -25.84 -1.33 -9.67
CA ALA B 161 -26.64 -1.26 -10.90
C ALA B 161 -25.76 -1.35 -12.16
N TYR B 162 -24.59 -0.72 -12.11
CA TYR B 162 -23.65 -0.79 -13.22
C TYR B 162 -23.21 -2.22 -13.52
N PHE B 163 -22.79 -2.94 -12.47
CA PHE B 163 -22.32 -4.31 -12.61
C PHE B 163 -23.44 -5.31 -12.94
N LEU B 164 -24.66 -4.95 -12.58
CA LEU B 164 -25.84 -5.77 -12.89
C LEU B 164 -26.40 -5.48 -14.29
N SER B 165 -25.93 -4.42 -14.94
CA SER B 165 -26.44 -4.03 -16.25
C SER B 165 -26.23 -5.09 -17.33
N GLU B 166 -27.17 -5.16 -18.28
CA GLU B 166 -27.07 -6.09 -19.40
C GLU B 166 -25.80 -5.86 -20.22
N GLN B 167 -25.45 -4.59 -20.41
CA GLN B 167 -24.23 -4.19 -21.12
C GLN B 167 -22.97 -4.78 -20.47
N TYR B 168 -22.80 -4.56 -19.16
CA TYR B 168 -21.62 -5.07 -18.46
C TYR B 168 -21.58 -6.60 -18.50
N LYS B 169 -22.73 -7.22 -18.25
CA LYS B 169 -22.88 -8.68 -18.27
C LYS B 169 -22.45 -9.28 -19.61
N ALA B 170 -22.89 -8.66 -20.71
CA ALA B 170 -22.58 -9.13 -22.06
C ALA B 170 -21.10 -8.96 -22.44
N GLU B 171 -20.51 -7.84 -22.04
CA GLU B 171 -19.10 -7.60 -22.33
C GLU B 171 -18.21 -8.60 -21.59
N LEU B 172 -18.53 -8.88 -20.33
CA LEU B 172 -17.82 -9.93 -19.58
C LEU B 172 -17.99 -11.30 -20.21
N SER B 173 -19.23 -11.63 -20.59
CA SER B 173 -19.53 -12.89 -21.27
C SER B 173 -18.69 -13.06 -22.54
N ASN B 174 -18.52 -11.97 -23.28
CA ASN B 174 -17.69 -11.97 -24.49
C ASN B 174 -16.22 -12.28 -24.17
N SER B 175 -15.80 -11.97 -22.95
CA SER B 175 -14.42 -12.21 -22.53
C SER B 175 -14.25 -13.56 -21.85
N GLY B 176 -15.36 -14.28 -21.65
CA GLY B 176 -15.33 -15.61 -21.05
C GLY B 176 -15.81 -15.65 -19.61
N PHE B 177 -16.26 -14.52 -19.08
CA PHE B 177 -16.76 -14.46 -17.70
C PHE B 177 -18.28 -14.37 -17.63
N ARG B 178 -18.89 -15.38 -17.04
CA ARG B 178 -20.34 -15.43 -16.86
C ARG B 178 -20.70 -15.00 -15.44
N ILE B 179 -21.25 -13.80 -15.31
CA ILE B 179 -21.63 -13.27 -14.00
C ILE B 179 -22.81 -14.07 -13.42
N ASP B 180 -22.63 -14.57 -12.19
CA ASP B 180 -23.67 -15.29 -11.47
C ASP B 180 -24.18 -14.50 -10.27
N ASP B 181 -23.36 -13.59 -9.77
CA ASP B 181 -23.71 -12.83 -8.57
C ASP B 181 -23.01 -11.49 -8.56
N VAL B 182 -23.72 -10.47 -8.13
CA VAL B 182 -23.14 -9.17 -7.82
C VAL B 182 -23.57 -8.83 -6.39
N LYS B 183 -22.59 -8.53 -5.54
CA LYS B 183 -22.88 -8.22 -4.14
C LYS B 183 -22.15 -6.95 -3.72
N GLU B 184 -22.87 -6.04 -3.06
CA GLU B 184 -22.24 -4.86 -2.46
C GLU B 184 -21.75 -5.22 -1.06
N LEU B 185 -20.46 -5.05 -0.83
CA LEU B 185 -19.83 -5.40 0.44
C LEU B 185 -19.39 -4.13 1.18
N ASP B 186 -19.14 -4.27 2.48
CA ASP B 186 -18.83 -3.12 3.33
C ASP B 186 -17.40 -3.17 3.86
N ASN B 187 -17.00 -2.11 4.57
CA ASN B 187 -15.68 -2.04 5.19
C ASN B 187 -15.39 -3.25 6.08
N GLU B 188 -16.38 -3.65 6.88
CA GLU B 188 -16.19 -4.80 7.79
C GLU B 188 -15.74 -6.05 7.05
N TYR B 189 -16.35 -6.33 5.91
CA TYR B 189 -15.95 -7.44 5.05
C TYR B 189 -14.48 -7.36 4.62
N VAL B 190 -14.04 -6.15 4.30
CA VAL B 190 -12.68 -5.94 3.81
C VAL B 190 -11.63 -6.10 4.91
N LYS B 191 -12.07 -5.92 6.16
CA LYS B 191 -11.16 -6.03 7.31
C LYS B 191 -10.51 -7.41 7.43
N GLN B 192 -11.08 -8.41 6.77
CA GLN B 192 -10.55 -9.77 6.79
C GLN B 192 -9.23 -9.91 6.03
N PHE B 193 -9.03 -9.06 5.00
CA PHE B 193 -7.87 -9.17 4.13
C PHE B 193 -6.64 -8.63 4.82
N ASN B 194 -5.48 -9.18 4.50
CA ASN B 194 -4.24 -8.85 5.20
C ASN B 194 -3.32 -7.85 4.48
N SER B 195 -3.57 -7.57 3.20
CA SER B 195 -2.71 -6.61 2.50
C SER B 195 -2.84 -5.23 3.12
N MET B 196 -1.76 -4.47 3.07
CA MET B 196 -1.73 -3.13 3.66
C MET B 196 -2.73 -2.21 2.95
N TRP B 197 -2.87 -2.42 1.65
CA TRP B 197 -3.82 -1.70 0.80
C TRP B 197 -5.27 -1.97 1.23
N ALA B 198 -5.62 -3.25 1.38
CA ALA B 198 -6.95 -3.64 1.85
C ALA B 198 -7.26 -3.03 3.22
N LYS B 199 -6.27 -3.06 4.12
CA LYS B 199 -6.43 -2.49 5.46
C LYS B 199 -6.69 -0.98 5.43
N ARG B 200 -5.97 -0.26 4.58
CA ARG B 200 -6.22 1.16 4.38
C ARG B 200 -7.67 1.41 3.90
N LEU B 201 -8.12 0.62 2.93
CA LEU B 201 -9.46 0.74 2.39
C LEU B 201 -10.51 0.42 3.45
N ALA B 202 -10.25 -0.60 4.25
CA ALA B 202 -11.19 -1.04 5.28
C ALA B 202 -11.26 -0.06 6.46
N PHE B 203 -10.10 0.43 6.88
CA PHE B 203 -10.00 1.28 8.08
C PHE B 203 -10.32 2.76 7.85
N GLY B 204 -10.35 3.18 6.59
CA GLY B 204 -10.59 4.59 6.26
C GLY B 204 -12.04 5.00 6.29
N ARG B 205 -12.43 5.87 5.36
CA ARG B 205 -13.82 6.30 5.23
C ARG B 205 -14.69 5.10 4.85
N LYS B 206 -15.98 5.18 5.17
CA LYS B 206 -16.94 4.21 4.66
C LYS B 206 -16.85 4.22 3.14
N ARG B 207 -16.79 3.02 2.57
CA ARG B 207 -16.64 2.84 1.12
C ARG B 207 -17.53 1.70 0.68
N SER B 208 -18.08 1.83 -0.53
CA SER B 208 -18.81 0.74 -1.15
C SER B 208 -17.83 -0.17 -1.87
N PHE B 209 -17.97 -1.48 -1.67
CA PHE B 209 -17.16 -2.45 -2.38
C PHE B 209 -18.10 -3.36 -3.16
N PHE B 210 -17.68 -3.75 -4.36
CA PHE B 210 -18.55 -4.59 -5.20
C PHE B 210 -17.84 -5.86 -5.63
N ARG B 211 -18.49 -6.98 -5.35
CA ARG B 211 -17.96 -8.26 -5.81
C ARG B 211 -18.81 -8.77 -6.95
N VAL B 212 -18.17 -8.96 -8.10
CA VAL B 212 -18.77 -9.58 -9.26
C VAL B 212 -18.13 -10.94 -9.37
N SER B 213 -18.95 -11.99 -9.24
CA SER B 213 -18.44 -13.34 -9.28
C SER B 213 -19.26 -14.19 -10.24
N GLY B 214 -18.71 -15.35 -10.57
CA GLY B 214 -19.38 -16.31 -11.45
C GLY B 214 -18.44 -17.37 -11.94
N HIS B 215 -18.70 -17.88 -13.14
CA HIS B 215 -17.90 -18.95 -13.69
C HIS B 215 -17.36 -18.57 -15.06
N VAL B 216 -16.26 -19.22 -15.45
CA VAL B 216 -15.62 -18.99 -16.73
C VAL B 216 -16.23 -19.90 -17.79
#